data_7UC6
#
_entry.id   7UC6
#
_cell.length_a   237.674
_cell.length_b   237.674
_cell.length_c   112.811
_cell.angle_alpha   90.000
_cell.angle_beta   90.000
_cell.angle_gamma   120.000
#
_symmetry.space_group_name_H-M   'H 3 2'
#
loop_
_entity.id
_entity.type
_entity.pdbx_description
1 polymer 'Signal transducer and activator of transcription 5A'
2 non-polymer N-{5-[difluoro(phosphono)methyl]-1-benzothiophene-2-carbonyl}-3-methyl-L-valyl-L-prolyl-N~3~-(4-bromophenyl)-N,N-dimethyl-beta-alaninamide
3 water water
#
_entity_poly.entity_id   1
_entity_poly.type   'polypeptide(L)'
_entity_poly.pdbx_seq_one_letter_code
;SNAAMSQKHLQINQTFEELRLVTQDTENELKKLQQTQEYFIIQYQESLRIQAQFAQLAQLSPQERLSRETALQQKQVSLE
AWLQREAQTLQQYRVELAEKHQKTLQLLRKQQTIILDDELIQWKRRQQLAGNGGPPEGSLDVLQSWCEKLAEIIWQNRQQ
IRRAEHLCQQLPIPGPVEEMLAEVNATITDIISALVTSTFIIEKQPPQVLKTQTKFAATVRLLVGGKLNVHMNPPQVKAT
IISEQQAKSLLKNENTRNECSGEILNNCCVMEYHQATGTLSAHFRNMSLKRIKRADRRGAESVTEEKFTVLFESQFSVGS
NELVFQVKTLSLPVVVIVHGSQDHNATATVLWDNAFAEPGRVPFAVPDKVLWPQLCEALNMKFKAEVQSNRGLTKENLVF
LAQKLFNNSSSHLEDYSGLSVSWSQFNRENLPGWNYTFWQWFDGVMEVLKKHHKPHWNDGAILGFVNKQQAHDLLINKPD
GTFLLRFSDSEIGGITIAWKFDSPERNLWNLKPFTTRDFSIRSLADRLGDLSYLIYVFPDRPKDEVFSKYYTPVLAKAVD
GYVKPQIKQVVPE
;
_entity_poly.pdbx_strand_id   A
#
loop_
_chem_comp.id
_chem_comp.type
_chem_comp.name
_chem_comp.formula
MJ6 non-polymer N-{5-[difluoro(phosphono)methyl]-1-benzothiophene-2-carbonyl}-3-methyl-L-valyl-L-prolyl-N~3~-(4-bromophenyl)-N,N-dimethyl-beta-alaninamide 'C32 H38 Br F2 N4 O7 P S'
#
# COMPACT_ATOMS: atom_id res chain seq x y z
N SER A 6 -3.78 -18.60 -6.87
CA SER A 6 -3.50 -18.14 -8.22
C SER A 6 -4.69 -18.33 -9.14
N GLN A 7 -5.92 -18.15 -8.62
CA GLN A 7 -7.12 -18.33 -9.42
C GLN A 7 -7.33 -17.11 -10.32
N LYS A 8 -7.52 -15.91 -9.72
CA LYS A 8 -7.63 -14.68 -10.49
C LYS A 8 -6.29 -14.34 -11.18
N HIS A 9 -5.16 -14.84 -10.66
CA HIS A 9 -3.84 -14.62 -11.24
C HIS A 9 -3.71 -15.28 -12.60
N LEU A 10 -4.26 -16.48 -12.77
CA LEU A 10 -4.19 -17.15 -14.05
C LEU A 10 -5.13 -16.53 -15.07
N GLN A 11 -6.26 -15.96 -14.62
CA GLN A 11 -7.19 -15.27 -15.51
C GLN A 11 -6.59 -13.93 -15.98
N ILE A 12 -5.81 -13.26 -15.11
CA ILE A 12 -5.12 -12.02 -15.44
C ILE A 12 -4.09 -12.33 -16.53
N ASN A 13 -3.33 -13.42 -16.38
CA ASN A 13 -2.32 -13.81 -17.35
C ASN A 13 -2.92 -14.24 -18.68
N GLN A 14 -4.07 -14.93 -18.67
CA GLN A 14 -4.72 -15.37 -19.89
C GLN A 14 -5.20 -14.17 -20.70
N THR A 15 -5.82 -13.20 -20.02
CA THR A 15 -6.29 -11.97 -20.65
C THR A 15 -5.16 -11.16 -21.26
N PHE A 16 -4.00 -11.14 -20.61
CA PHE A 16 -2.83 -10.44 -21.12
C PHE A 16 -2.37 -11.11 -22.40
N GLU A 17 -2.30 -12.44 -22.41
CA GLU A 17 -1.90 -13.19 -23.59
C GLU A 17 -2.88 -12.99 -24.74
N GLU A 18 -4.19 -12.95 -24.47
CA GLU A 18 -5.18 -12.69 -25.52
C GLU A 18 -4.99 -11.27 -26.07
N LEU A 19 -4.77 -10.29 -25.18
CA LEU A 19 -4.52 -8.88 -25.51
C LEU A 19 -3.32 -8.69 -26.43
N ARG A 20 -2.25 -9.48 -26.29
CA ARG A 20 -1.09 -9.32 -27.17
C ARG A 20 -1.35 -9.95 -28.54
N LEU A 21 -2.15 -11.05 -28.59
CA LEU A 21 -2.53 -11.74 -29.82
C LEU A 21 -3.44 -10.89 -30.67
N VAL A 22 -4.47 -10.29 -30.06
CA VAL A 22 -5.36 -9.40 -30.80
C VAL A 22 -4.67 -8.09 -31.22
N THR A 23 -3.65 -7.62 -30.47
CA THR A 23 -2.90 -6.41 -30.85
C THR A 23 -1.92 -6.73 -32.00
N GLN A 24 -1.43 -7.99 -32.11
CA GLN A 24 -0.62 -8.35 -33.27
C GLN A 24 -1.52 -8.44 -34.49
N ASP A 25 -2.77 -8.92 -34.34
CA ASP A 25 -3.72 -9.02 -35.44
CA ASP A 25 -3.69 -9.01 -35.47
C ASP A 25 -4.00 -7.63 -36.03
N THR A 26 -4.33 -6.65 -35.18
CA THR A 26 -4.59 -5.29 -35.65
C THR A 26 -3.34 -4.70 -36.32
N GLU A 27 -2.15 -5.07 -35.86
CA GLU A 27 -0.90 -4.61 -36.45
C GLU A 27 -0.75 -5.18 -37.86
N ASN A 28 -1.01 -6.50 -38.03
CA ASN A 28 -0.96 -7.20 -39.33
C ASN A 28 -1.94 -6.55 -40.29
N GLU A 29 -3.19 -6.35 -39.85
CA GLU A 29 -4.24 -5.73 -40.67
C GLU A 29 -3.96 -4.25 -40.99
N LEU A 30 -3.18 -3.58 -40.14
CA LEU A 30 -2.80 -2.19 -40.36
C LEU A 30 -1.78 -2.10 -41.50
N LYS A 31 -0.78 -3.02 -41.52
CA LYS A 31 0.21 -3.06 -42.60
C LYS A 31 -0.47 -3.44 -43.93
N LYS A 32 -1.47 -4.34 -43.87
CA LYS A 32 -2.26 -4.81 -45.01
C LYS A 32 -3.09 -3.66 -45.57
N LEU A 33 -3.68 -2.85 -44.69
CA LEU A 33 -4.47 -1.70 -45.12
C LEU A 33 -3.56 -0.69 -45.84
N GLN A 34 -2.36 -0.44 -45.30
CA GLN A 34 -1.36 0.47 -45.86
C GLN A 34 -0.88 -0.01 -47.23
N GLN A 35 -0.79 -1.34 -47.44
CA GLN A 35 -0.42 -1.90 -48.72
C GLN A 35 -1.55 -1.65 -49.72
N THR A 36 -2.79 -2.01 -49.34
CA THR A 36 -3.97 -1.81 -50.16
C THR A 36 -4.10 -0.37 -50.65
N GLN A 37 -3.95 0.60 -49.71
CA GLN A 37 -4.01 2.01 -50.02
C GLN A 37 -2.87 2.42 -50.96
N GLU A 38 -1.67 1.90 -50.71
CA GLU A 38 -0.52 2.23 -51.52
C GLU A 38 -0.69 1.78 -52.95
N TYR A 39 -1.23 0.54 -53.18
CA TYR A 39 -1.44 0.05 -54.54
C TYR A 39 -2.55 0.81 -55.21
N PHE A 40 -3.64 1.12 -54.47
CA PHE A 40 -4.75 1.92 -55.00
C PHE A 40 -4.24 3.27 -55.56
N ILE A 41 -3.26 3.88 -54.87
CA ILE A 41 -2.67 5.16 -55.28
C ILE A 41 -1.89 5.01 -56.59
N ILE A 42 -1.30 3.85 -56.82
CA ILE A 42 -0.58 3.57 -58.06
C ILE A 42 -1.56 3.32 -59.18
N GLN A 43 -2.62 2.54 -58.92
CA GLN A 43 -3.63 2.29 -59.92
C GLN A 43 -4.36 3.59 -60.31
N TYR A 44 -4.49 4.56 -59.39
CA TYR A 44 -5.13 5.82 -59.73
C TYR A 44 -4.29 6.60 -60.73
N GLN A 45 -2.96 6.53 -60.60
CA GLN A 45 -2.09 7.20 -61.55
C GLN A 45 -2.18 6.52 -62.92
N GLU A 46 -2.47 5.22 -62.96
CA GLU A 46 -2.65 4.52 -64.23
C GLU A 46 -3.85 5.07 -64.95
N SER A 47 -4.96 5.30 -64.24
CA SER A 47 -6.16 5.90 -64.82
C SER A 47 -5.91 7.33 -65.34
N LEU A 48 -4.90 8.01 -64.81
CA LEU A 48 -4.51 9.32 -65.25
C LEU A 48 -3.69 9.17 -66.56
N ARG A 49 -2.73 8.23 -66.59
CA ARG A 49 -1.94 7.95 -67.80
C ARG A 49 -2.83 7.48 -68.93
N ILE A 50 -3.96 6.79 -68.64
CA ILE A 50 -4.87 6.29 -69.68
C ILE A 50 -5.43 7.45 -70.50
N GLN A 51 -5.76 8.56 -69.84
CA GLN A 51 -6.28 9.73 -70.54
C GLN A 51 -5.17 10.39 -71.34
N ALA A 52 -3.97 10.49 -70.76
CA ALA A 52 -2.80 11.04 -71.47
C ALA A 52 -2.41 10.19 -72.69
N GLN A 53 -2.80 8.90 -72.70
CA GLN A 53 -2.55 7.97 -73.80
C GLN A 53 -3.50 8.29 -74.94
N PHE A 54 -4.78 8.61 -74.63
CA PHE A 54 -5.78 9.03 -75.61
C PHE A 54 -5.28 10.33 -76.29
N ALA A 55 -4.80 11.28 -75.46
CA ALA A 55 -4.27 12.55 -75.89
C ALA A 55 -3.13 12.41 -76.90
N GLN A 56 -2.36 11.31 -76.86
CA GLN A 56 -1.29 11.08 -77.84
C GLN A 56 -1.92 10.38 -79.04
N LEU A 57 -2.98 11.02 -79.60
CA LEU A 57 -3.80 10.61 -80.76
C LEU A 57 -3.00 10.04 -81.96
N LEU A 60 -2.38 9.70 -85.69
CA LEU A 60 -3.71 10.31 -85.72
C LEU A 60 -4.67 9.67 -86.74
N SER A 61 -4.11 8.98 -87.74
CA SER A 61 -4.87 8.31 -88.81
C SER A 61 -5.85 7.30 -88.24
N PRO A 62 -7.17 7.49 -88.45
CA PRO A 62 -8.17 6.56 -87.85
C PRO A 62 -8.10 5.08 -88.32
N GLN A 63 -7.15 4.71 -89.21
CA GLN A 63 -6.95 3.32 -89.63
C GLN A 63 -6.40 2.47 -88.44
N GLU A 64 -5.61 3.11 -87.55
CA GLU A 64 -5.03 2.53 -86.33
C GLU A 64 -5.64 3.21 -85.07
N ARG A 65 -5.98 4.52 -85.18
CA ARG A 65 -6.59 5.34 -84.13
C ARG A 65 -8.02 4.90 -83.77
N LEU A 66 -8.68 4.12 -84.65
CA LEU A 66 -10.01 3.59 -84.35
C LEU A 66 -9.89 2.31 -83.49
N SER A 67 -8.75 1.59 -83.59
CA SER A 67 -8.47 0.36 -82.85
C SER A 67 -7.74 0.64 -81.51
N ARG A 68 -6.84 1.64 -81.49
CA ARG A 68 -6.14 2.01 -80.25
C ARG A 68 -7.09 2.75 -79.27
N GLU A 69 -8.15 3.40 -79.79
CA GLU A 69 -9.14 4.11 -78.98
C GLU A 69 -10.08 3.14 -78.26
N THR A 70 -10.37 1.99 -78.88
CA THR A 70 -11.24 0.98 -78.27
C THR A 70 -10.49 0.15 -77.22
N ALA A 71 -9.19 -0.07 -77.42
CA ALA A 71 -8.35 -0.80 -76.48
C ALA A 71 -8.27 0.00 -75.17
N LEU A 72 -7.96 1.30 -75.26
CA LEU A 72 -7.87 2.19 -74.12
C LEU A 72 -9.21 2.45 -73.47
N GLN A 73 -10.31 2.40 -74.23
CA GLN A 73 -11.62 2.65 -73.67
C GLN A 73 -12.00 1.48 -72.76
N GLN A 74 -11.78 0.23 -73.21
CA GLN A 74 -12.08 -0.99 -72.45
C GLN A 74 -11.23 -1.06 -71.17
N LYS A 75 -9.95 -0.68 -71.30
CA LYS A 75 -8.95 -0.62 -70.25
C LYS A 75 -9.35 0.45 -69.22
N GLN A 76 -9.65 1.68 -69.68
CA GLN A 76 -10.09 2.79 -68.84
C GLN A 76 -11.31 2.44 -68.01
N VAL A 77 -12.28 1.78 -68.61
CA VAL A 77 -13.50 1.43 -67.91
C VAL A 77 -13.26 0.43 -66.81
N SER A 78 -12.53 -0.65 -67.11
CA SER A 78 -12.27 -1.71 -66.15
C SER A 78 -11.48 -1.18 -64.97
N LEU A 79 -10.43 -0.37 -65.22
CA LEU A 79 -9.64 0.24 -64.16
C LEU A 79 -10.50 1.20 -63.37
N GLU A 80 -11.36 1.99 -64.02
CA GLU A 80 -12.26 2.91 -63.34
C GLU A 80 -13.23 2.21 -62.44
N ALA A 81 -13.66 1.00 -62.84
CA ALA A 81 -14.57 0.18 -62.06
C ALA A 81 -13.86 -0.48 -60.89
N TRP A 82 -12.60 -0.92 -61.13
CA TRP A 82 -11.74 -1.52 -60.10
C TRP A 82 -11.51 -0.49 -59.03
N LEU A 83 -11.13 0.73 -59.42
CA LEU A 83 -10.84 1.82 -58.52
C LEU A 83 -12.03 2.14 -57.63
N GLN A 84 -13.23 2.17 -58.22
CA GLN A 84 -14.44 2.47 -57.48
C GLN A 84 -14.72 1.44 -56.40
N ARG A 85 -14.50 0.17 -56.73
CA ARG A 85 -14.71 -0.95 -55.80
C ARG A 85 -13.65 -0.98 -54.73
N GLU A 86 -12.40 -0.67 -55.10
CA GLU A 86 -11.28 -0.65 -54.17
C GLU A 86 -11.45 0.45 -53.13
N ALA A 87 -12.05 1.59 -53.52
CA ALA A 87 -12.32 2.69 -52.60
C ALA A 87 -13.28 2.24 -51.51
N GLN A 88 -14.33 1.46 -51.87
CA GLN A 88 -15.25 0.95 -50.85
C GLN A 88 -14.50 -0.04 -49.95
N THR A 89 -13.63 -0.87 -50.53
CA THR A 89 -12.85 -1.83 -49.76
C THR A 89 -11.94 -1.11 -48.79
N LEU A 90 -11.34 -0.01 -49.21
CA LEU A 90 -10.49 0.82 -48.37
C LEU A 90 -11.28 1.35 -47.19
N GLN A 91 -12.51 1.81 -47.43
CA GLN A 91 -13.36 2.31 -46.36
C GLN A 91 -13.80 1.21 -45.45
N GLN A 92 -14.13 0.04 -46.01
CA GLN A 92 -14.59 -1.09 -45.21
C GLN A 92 -13.47 -1.59 -44.30
N TYR A 93 -12.28 -1.84 -44.85
CA TYR A 93 -11.16 -2.33 -44.07
C TYR A 93 -10.76 -1.32 -42.96
N ARG A 94 -10.94 0.00 -43.23
CA ARG A 94 -10.67 1.06 -42.27
C ARG A 94 -11.65 0.96 -41.10
N VAL A 95 -12.98 0.89 -41.37
CA VAL A 95 -14.02 0.72 -40.35
C VAL A 95 -13.72 -0.53 -39.52
N GLU A 96 -13.40 -1.63 -40.19
CA GLU A 96 -13.10 -2.91 -39.55
C GLU A 96 -11.93 -2.83 -38.59
N LEU A 97 -10.92 -2.01 -38.93
CA LEU A 97 -9.75 -1.85 -38.08
C LEU A 97 -10.16 -1.08 -36.83
N ALA A 98 -10.93 0.02 -37.00
CA ALA A 98 -11.41 0.82 -35.88
C ALA A 98 -12.27 0.00 -34.94
N GLU A 99 -13.14 -0.87 -35.46
CA GLU A 99 -13.97 -1.75 -34.67
C GLU A 99 -13.10 -2.70 -33.84
N LYS A 100 -12.02 -3.22 -34.43
CA LYS A 100 -11.11 -4.13 -33.73
C LYS A 100 -10.35 -3.40 -32.63
N HIS A 101 -10.01 -2.14 -32.88
CA HIS A 101 -9.32 -1.30 -31.91
C HIS A 101 -10.25 -0.97 -30.76
N GLN A 102 -11.53 -0.68 -31.06
CA GLN A 102 -12.53 -0.40 -30.05
C GLN A 102 -12.74 -1.63 -29.19
N LYS A 103 -12.78 -2.83 -29.80
CA LYS A 103 -12.98 -4.09 -29.10
C LYS A 103 -11.81 -4.41 -28.15
N THR A 104 -10.56 -4.28 -28.60
CA THR A 104 -9.42 -4.57 -27.74
C THR A 104 -9.27 -3.51 -26.64
N LEU A 105 -9.70 -2.26 -26.88
CA LEU A 105 -9.61 -1.24 -25.85
C LEU A 105 -10.62 -1.49 -24.74
N GLN A 106 -11.83 -1.95 -25.08
CA GLN A 106 -12.84 -2.26 -24.07
C GLN A 106 -12.37 -3.43 -23.21
N LEU A 107 -11.71 -4.42 -23.81
CA LEU A 107 -11.18 -5.54 -23.05
C LEU A 107 -10.06 -5.04 -22.16
N LEU A 108 -9.17 -4.20 -22.70
CA LEU A 108 -8.05 -3.61 -21.97
C LEU A 108 -8.53 -2.84 -20.73
N ARG A 109 -9.64 -2.08 -20.86
CA ARG A 109 -10.23 -1.31 -19.77
C ARG A 109 -10.62 -2.22 -18.62
N LYS A 110 -11.21 -3.40 -18.93
CA LYS A 110 -11.61 -4.37 -17.91
C LYS A 110 -10.37 -4.94 -17.24
N GLN A 111 -9.37 -5.35 -18.03
CA GLN A 111 -8.13 -5.91 -17.52
C GLN A 111 -7.36 -4.94 -16.65
N GLN A 112 -7.43 -3.64 -16.96
CA GLN A 112 -6.76 -2.59 -16.20
C GLN A 112 -7.48 -2.39 -14.87
N THR A 113 -8.80 -2.26 -14.90
CA THR A 113 -9.60 -2.09 -13.68
C THR A 113 -9.32 -3.22 -12.65
N ILE A 114 -9.10 -4.43 -13.14
CA ILE A 114 -8.73 -5.55 -12.29
C ILE A 114 -7.38 -5.31 -11.61
N ILE A 115 -6.32 -5.00 -12.38
CA ILE A 115 -4.98 -4.76 -11.82
C ILE A 115 -4.93 -3.54 -10.89
N LEU A 116 -5.51 -2.42 -11.31
CA LEU A 116 -5.42 -1.17 -10.59
C LEU A 116 -6.42 -0.99 -9.46
N ASP A 117 -7.72 -1.21 -9.73
CA ASP A 117 -8.73 -1.01 -8.70
C ASP A 117 -8.90 -2.20 -7.76
N ASP A 118 -8.26 -3.36 -8.05
CA ASP A 118 -8.38 -4.52 -7.17
CA ASP A 118 -8.37 -4.52 -7.18
C ASP A 118 -7.00 -4.97 -6.65
N GLU A 119 -6.17 -5.63 -7.47
CA GLU A 119 -4.87 -6.13 -7.02
C GLU A 119 -3.93 -5.09 -6.41
N LEU A 120 -3.99 -3.84 -6.91
CA LEU A 120 -3.13 -2.75 -6.41
C LEU A 120 -3.64 -2.30 -5.06
N ILE A 121 -4.97 -2.15 -4.95
CA ILE A 121 -5.64 -1.78 -3.70
C ILE A 121 -5.42 -2.83 -2.60
N GLN A 122 -5.50 -4.12 -2.95
CA GLN A 122 -5.20 -5.19 -2.01
C GLN A 122 -3.74 -5.10 -1.56
N TRP A 123 -2.79 -4.78 -2.46
CA TRP A 123 -1.39 -4.61 -2.09
C TRP A 123 -1.24 -3.41 -1.15
N LYS A 124 -1.90 -2.32 -1.49
CA LYS A 124 -1.84 -1.10 -0.72
C LYS A 124 -2.45 -1.29 0.68
N ARG A 125 -3.58 -2.01 0.78
CA ARG A 125 -4.19 -2.31 2.07
C ARG A 125 -3.28 -3.21 2.86
N ARG A 126 -2.71 -4.24 2.23
CA ARG A 126 -1.75 -5.13 2.88
C ARG A 126 -0.59 -4.33 3.53
N GLN A 127 -0.19 -3.23 2.86
CA GLN A 127 0.89 -2.33 3.28
C GLN A 127 0.42 -1.45 4.44
N GLN A 128 -0.84 -0.98 4.37
CA GLN A 128 -1.46 -0.17 5.41
C GLN A 128 -1.55 -0.97 6.71
N LEU A 129 -2.08 -2.20 6.67
CA LEU A 129 -2.18 -3.01 7.88
C LEU A 129 -0.84 -3.44 8.44
N ALA A 130 0.20 -3.46 7.62
CA ALA A 130 1.55 -3.78 8.09
C ALA A 130 2.12 -2.71 9.05
N GLY A 131 1.53 -1.51 9.04
CA GLY A 131 1.90 -0.42 9.94
C GLY A 131 1.57 -0.75 11.38
N ASN A 132 0.40 -1.44 11.61
CA ASN A 132 -0.03 -1.94 12.92
C ASN A 132 0.61 -3.30 13.27
N GLY A 133 1.76 -3.59 12.68
CA GLY A 133 2.43 -4.87 12.89
C GLY A 133 1.79 -6.04 12.17
N GLY A 134 1.01 -5.77 11.12
CA GLY A 134 0.39 -6.82 10.32
C GLY A 134 1.37 -7.60 9.47
N PRO A 135 0.87 -8.49 8.61
CA PRO A 135 1.77 -9.30 7.76
C PRO A 135 2.27 -8.49 6.57
N PRO A 136 3.55 -8.71 6.17
CA PRO A 136 4.14 -7.91 5.08
C PRO A 136 3.45 -8.03 3.73
N GLU A 137 3.26 -6.88 3.07
CA GLU A 137 2.57 -6.74 1.79
C GLU A 137 3.24 -7.55 0.69
N GLY A 138 4.56 -7.59 0.70
CA GLY A 138 5.30 -8.33 -0.30
C GLY A 138 5.77 -7.47 -1.45
N SER A 139 6.58 -8.08 -2.33
CA SER A 139 7.20 -7.40 -3.47
C SER A 139 6.24 -6.92 -4.54
N LEU A 140 6.56 -5.74 -5.07
CA LEU A 140 5.80 -5.15 -6.14
C LEU A 140 6.08 -5.80 -7.50
N ASP A 141 7.03 -6.77 -7.58
CA ASP A 141 7.41 -7.53 -8.78
C ASP A 141 6.21 -7.99 -9.63
N VAL A 142 5.21 -8.59 -9.01
CA VAL A 142 4.05 -9.07 -9.72
C VAL A 142 3.24 -7.93 -10.33
N LEU A 143 3.04 -6.86 -9.54
CA LEU A 143 2.29 -5.69 -9.97
C LEU A 143 3.03 -4.92 -11.08
N GLN A 144 4.38 -4.90 -11.03
CA GLN A 144 5.17 -4.23 -12.06
C GLN A 144 5.06 -5.05 -13.32
N SER A 145 5.28 -6.37 -13.24
CA SER A 145 5.11 -7.28 -14.37
C SER A 145 3.80 -7.06 -15.14
N TRP A 146 2.70 -6.82 -14.42
CA TRP A 146 1.42 -6.57 -15.07
C TRP A 146 1.30 -5.15 -15.65
N CYS A 147 1.77 -4.15 -14.89
CA CYS A 147 1.71 -2.76 -15.35
C CYS A 147 2.60 -2.50 -16.59
N GLU A 148 3.66 -3.31 -16.75
CA GLU A 148 4.55 -3.29 -17.89
C GLU A 148 3.75 -3.71 -19.11
N LYS A 149 3.03 -4.83 -19.01
CA LYS A 149 2.19 -5.37 -20.08
C LYS A 149 1.08 -4.41 -20.40
N LEU A 150 0.46 -3.80 -19.38
CA LEU A 150 -0.63 -2.83 -19.63
C LEU A 150 -0.13 -1.66 -20.47
N ALA A 151 1.08 -1.17 -20.16
CA ALA A 151 1.72 -0.06 -20.86
C ALA A 151 2.15 -0.49 -22.25
N GLU A 152 2.82 -1.66 -22.37
CA GLU A 152 3.28 -2.23 -23.64
C GLU A 152 2.10 -2.30 -24.62
N ILE A 153 0.97 -2.79 -24.14
CA ILE A 153 -0.21 -2.93 -24.96
C ILE A 153 -0.86 -1.58 -25.29
N ILE A 154 -1.21 -0.72 -24.30
CA ILE A 154 -1.85 0.57 -24.63
C ILE A 154 -0.99 1.41 -25.55
N TRP A 155 0.34 1.34 -25.39
CA TRP A 155 1.23 2.13 -26.23
C TRP A 155 1.23 1.59 -27.64
N GLN A 156 1.29 0.27 -27.85
CA GLN A 156 1.19 -0.31 -29.19
C GLN A 156 -0.09 0.14 -29.91
N ASN A 157 -1.27 -0.06 -29.31
CA ASN A 157 -2.53 0.36 -29.92
C ASN A 157 -2.58 1.84 -30.20
N ARG A 158 -1.92 2.66 -29.37
CA ARG A 158 -1.90 4.11 -29.56
C ARG A 158 -1.12 4.44 -30.81
N GLN A 159 0.10 3.90 -30.96
CA GLN A 159 0.89 4.18 -32.14
C GLN A 159 0.20 3.58 -33.38
N GLN A 160 -0.50 2.43 -33.24
CA GLN A 160 -1.26 1.82 -34.32
C GLN A 160 -2.31 2.77 -34.85
N ILE A 161 -3.09 3.40 -33.94
CA ILE A 161 -4.13 4.30 -34.40
C ILE A 161 -3.50 5.59 -34.97
N ARG A 162 -2.34 6.04 -34.47
CA ARG A 162 -1.70 7.25 -35.00
C ARG A 162 -1.28 7.01 -36.47
N ARG A 163 -0.82 5.76 -36.79
CA ARG A 163 -0.44 5.32 -38.14
C ARG A 163 -1.67 5.25 -39.03
N ALA A 164 -2.73 4.60 -38.56
CA ALA A 164 -3.99 4.47 -39.29
C ALA A 164 -4.58 5.84 -39.61
N GLU A 165 -4.41 6.81 -38.69
CA GLU A 165 -4.86 8.18 -38.85
C GLU A 165 -4.05 8.83 -39.97
N HIS A 166 -2.71 8.62 -39.99
CA HIS A 166 -1.81 9.17 -41.02
C HIS A 166 -2.28 8.75 -42.40
N LEU A 167 -2.69 7.48 -42.57
CA LEU A 167 -3.19 6.99 -43.85
C LEU A 167 -4.40 7.79 -44.31
N CYS A 168 -5.37 8.03 -43.40
CA CYS A 168 -6.58 8.81 -43.67
C CYS A 168 -6.27 10.28 -43.99
N GLN A 169 -5.15 10.82 -43.48
CA GLN A 169 -4.74 12.19 -43.77
C GLN A 169 -4.32 12.25 -45.24
N GLN A 170 -3.49 11.27 -45.68
CA GLN A 170 -2.98 11.18 -47.04
C GLN A 170 -4.00 10.70 -48.09
N LEU A 171 -5.13 10.13 -47.66
CA LEU A 171 -6.20 9.71 -48.55
C LEU A 171 -7.46 9.67 -47.73
N PRO A 172 -8.16 10.80 -47.67
CA PRO A 172 -9.36 10.87 -46.85
C PRO A 172 -10.57 10.27 -47.51
N ILE A 173 -11.37 9.51 -46.75
CA ILE A 173 -12.61 8.94 -47.22
C ILE A 173 -13.65 9.17 -46.12
N PRO A 174 -14.44 10.25 -46.22
CA PRO A 174 -15.42 10.58 -45.17
C PRO A 174 -16.52 9.56 -44.91
N GLY A 175 -16.90 9.44 -43.65
CA GLY A 175 -17.91 8.51 -43.22
C GLY A 175 -17.87 8.30 -41.73
N PRO A 176 -18.17 7.08 -41.30
CA PRO A 176 -18.20 6.81 -39.85
C PRO A 176 -16.84 6.78 -39.14
N VAL A 177 -15.76 6.52 -39.90
CA VAL A 177 -14.39 6.41 -39.43
C VAL A 177 -13.91 7.61 -38.55
N GLU A 178 -14.30 8.85 -38.87
CA GLU A 178 -13.88 10.02 -38.09
C GLU A 178 -14.31 9.93 -36.63
N GLU A 179 -15.63 9.86 -36.35
CA GLU A 179 -16.11 9.74 -34.97
C GLU A 179 -15.71 8.40 -34.34
N MET A 180 -15.47 7.36 -35.14
CA MET A 180 -14.99 6.09 -34.61
C MET A 180 -13.59 6.28 -34.04
N LEU A 181 -12.73 7.03 -34.75
CA LEU A 181 -11.37 7.30 -34.27
C LEU A 181 -11.35 8.29 -33.13
N ALA A 182 -12.29 9.25 -33.11
CA ALA A 182 -12.44 10.21 -32.02
C ALA A 182 -12.75 9.45 -30.71
N GLU A 183 -13.58 8.39 -30.79
CA GLU A 183 -13.91 7.58 -29.65
C GLU A 183 -12.66 6.81 -29.17
N VAL A 184 -11.96 6.12 -30.09
CA VAL A 184 -10.76 5.34 -29.78
C VAL A 184 -9.71 6.18 -29.11
N ASN A 185 -9.52 7.41 -29.60
CA ASN A 185 -8.53 8.31 -29.04
C ASN A 185 -8.87 8.68 -27.60
N ALA A 186 -10.13 9.10 -27.36
CA ALA A 186 -10.62 9.46 -26.02
C ALA A 186 -10.41 8.32 -25.02
N THR A 187 -10.62 7.08 -25.47
CA THR A 187 -10.43 5.88 -24.68
C THR A 187 -8.97 5.73 -24.31
N ILE A 188 -8.06 5.95 -25.26
CA ILE A 188 -6.62 5.84 -25.09
C ILE A 188 -6.05 6.86 -24.07
N THR A 189 -6.51 8.12 -24.15
CA THR A 189 -6.06 9.14 -23.21
C THR A 189 -6.56 8.82 -21.81
N ASP A 190 -7.79 8.31 -21.70
CA ASP A 190 -8.35 7.92 -20.42
C ASP A 190 -7.54 6.80 -19.79
N ILE A 191 -7.20 5.77 -20.57
CA ILE A 191 -6.44 4.62 -20.11
C ILE A 191 -5.00 4.96 -19.74
N ILE A 192 -4.28 5.74 -20.57
CA ILE A 192 -2.89 6.07 -20.25
C ILE A 192 -2.83 6.98 -19.04
N SER A 193 -3.77 7.96 -18.96
CA SER A 193 -3.81 8.89 -17.83
C SER A 193 -4.03 8.11 -16.53
N ALA A 194 -5.00 7.21 -16.55
CA ALA A 194 -5.26 6.36 -15.41
C ALA A 194 -4.06 5.46 -15.08
N LEU A 195 -3.44 4.82 -16.08
CA LEU A 195 -2.33 3.92 -15.86
C LEU A 195 -1.14 4.64 -15.25
N VAL A 196 -0.87 5.84 -15.74
CA VAL A 196 0.26 6.65 -15.31
C VAL A 196 0.04 7.23 -13.90
N THR A 197 -1.10 7.89 -13.67
CA THR A 197 -1.37 8.47 -12.35
C THR A 197 -1.42 7.39 -11.23
N SER A 198 -2.08 6.27 -11.49
CA SER A 198 -2.21 5.20 -10.50
C SER A 198 -0.96 4.37 -10.22
N THR A 199 0.06 4.37 -11.10
CA THR A 199 1.24 3.51 -10.87
C THR A 199 2.45 4.23 -10.24
N PHE A 200 2.23 5.44 -9.73
CA PHE A 200 3.22 6.22 -8.99
C PHE A 200 2.82 5.93 -7.54
N ILE A 201 3.51 4.94 -6.92
CA ILE A 201 3.18 4.47 -5.59
C ILE A 201 4.36 4.50 -4.62
N ILE A 202 4.08 4.52 -3.32
CA ILE A 202 5.12 4.54 -2.29
C ILE A 202 5.46 3.12 -1.84
N GLU A 203 6.56 2.55 -2.37
CA GLU A 203 7.00 1.19 -2.04
C GLU A 203 7.26 1.07 -0.52
N LYS A 204 8.05 1.98 0.04
CA LYS A 204 8.36 2.02 1.46
C LYS A 204 7.85 3.36 2.03
N GLN A 205 6.87 3.30 2.92
CA GLN A 205 6.29 4.48 3.57
C GLN A 205 7.26 5.18 4.55
N PRO A 206 7.04 6.48 4.85
CA PRO A 206 7.82 7.13 5.90
C PRO A 206 7.25 6.76 7.29
N PRO A 207 7.99 7.02 8.38
CA PRO A 207 7.49 6.64 9.72
C PRO A 207 6.20 7.36 10.08
N GLN A 208 5.17 6.63 10.54
CA GLN A 208 3.91 7.27 10.90
C GLN A 208 3.97 8.02 12.21
N VAL A 209 4.99 7.78 13.04
CA VAL A 209 5.21 8.58 14.24
C VAL A 209 6.59 9.14 14.00
N LEU A 210 6.59 10.37 13.55
CA LEU A 210 7.78 11.05 13.13
C LEU A 210 8.21 12.09 14.12
N LYS A 211 9.49 12.06 14.48
CA LYS A 211 10.04 13.04 15.39
C LYS A 211 10.87 14.07 14.61
N THR A 212 10.62 15.36 14.85
CA THR A 212 11.33 16.51 14.28
C THR A 212 12.83 16.35 14.48
N GLN A 213 13.62 16.63 13.44
CA GLN A 213 15.07 16.52 13.46
C GLN A 213 15.59 15.11 13.46
N THR A 214 14.79 14.15 12.99
CA THR A 214 15.21 12.75 12.94
C THR A 214 15.29 12.30 11.51
N LYS A 215 16.39 11.66 11.14
CA LYS A 215 16.54 11.18 9.78
C LYS A 215 15.52 10.08 9.48
N PHE A 216 14.87 10.17 8.32
CA PHE A 216 13.93 9.15 7.89
C PHE A 216 14.05 8.85 6.40
N ALA A 217 13.38 7.80 5.91
CA ALA A 217 13.48 7.39 4.54
C ALA A 217 12.13 7.02 3.95
N ALA A 218 12.03 7.00 2.62
CA ALA A 218 10.85 6.59 1.86
C ALA A 218 11.34 6.10 0.48
N THR A 219 10.48 5.35 -0.25
CA THR A 219 10.81 4.84 -1.58
C THR A 219 9.58 5.03 -2.46
N VAL A 220 9.70 5.78 -3.56
CA VAL A 220 8.56 5.98 -4.47
C VAL A 220 8.86 5.36 -5.81
N ARG A 221 8.13 4.30 -6.17
CA ARG A 221 8.31 3.54 -7.39
C ARG A 221 7.32 4.01 -8.48
N LEU A 222 7.72 3.85 -9.73
CA LEU A 222 6.83 4.09 -10.87
C LEU A 222 6.86 2.76 -11.61
N LEU A 223 5.73 2.04 -11.57
CA LEU A 223 5.62 0.68 -12.12
C LEU A 223 5.75 0.63 -13.66
N VAL A 224 5.31 1.68 -14.35
CA VAL A 224 5.39 1.75 -15.80
C VAL A 224 6.64 2.51 -16.28
N GLY A 225 7.70 2.53 -15.48
CA GLY A 225 8.92 3.25 -15.81
C GLY A 225 9.67 2.70 -17.00
N GLY A 226 9.94 1.40 -16.96
CA GLY A 226 10.66 0.71 -18.02
C GLY A 226 9.94 0.57 -19.34
N LYS A 227 8.60 0.40 -19.31
CA LYS A 227 7.86 0.21 -20.56
C LYS A 227 7.50 1.50 -21.28
N LEU A 228 7.63 2.65 -20.64
CA LEU A 228 7.40 3.94 -21.31
C LEU A 228 8.74 4.74 -21.43
N ASN A 229 8.74 5.90 -22.12
CA ASN A 229 10.00 6.65 -22.28
C ASN A 229 10.27 7.51 -21.06
N VAL A 230 10.20 6.91 -19.86
CA VAL A 230 10.34 7.68 -18.63
C VAL A 230 11.75 7.64 -18.09
N HIS A 231 12.42 6.50 -18.16
CA HIS A 231 13.79 6.35 -17.67
C HIS A 231 14.82 7.16 -18.47
N MET A 232 14.47 7.57 -19.71
CA MET A 232 15.35 8.36 -20.57
C MET A 232 15.74 9.64 -19.90
N ASN A 233 14.76 10.40 -19.38
CA ASN A 233 15.06 11.58 -18.58
C ASN A 233 14.46 11.33 -17.20
N PRO A 234 15.20 10.65 -16.29
CA PRO A 234 14.67 10.34 -14.95
C PRO A 234 14.18 11.59 -14.24
N PRO A 235 12.89 11.62 -13.85
CA PRO A 235 12.33 12.84 -13.27
C PRO A 235 12.67 13.07 -11.82
N GLN A 236 12.51 14.31 -11.37
CA GLN A 236 12.73 14.64 -9.97
C GLN A 236 11.41 14.59 -9.23
N VAL A 237 11.51 14.08 -8.00
CA VAL A 237 10.40 13.92 -7.07
C VAL A 237 10.67 14.84 -5.89
N LYS A 238 9.67 15.62 -5.48
CA LYS A 238 9.82 16.53 -4.37
C LYS A 238 8.92 16.11 -3.23
N ALA A 239 9.52 15.66 -2.12
CA ALA A 239 8.81 15.31 -0.90
C ALA A 239 8.40 16.61 -0.23
N THR A 240 7.17 16.66 0.29
CA THR A 240 6.61 17.87 0.90
C THR A 240 5.69 17.45 2.04
N ILE A 241 5.79 18.07 3.23
CA ILE A 241 4.88 17.71 4.33
C ILE A 241 3.63 18.59 4.33
N ILE A 242 2.46 17.98 4.24
CA ILE A 242 1.20 18.74 4.25
C ILE A 242 0.26 18.28 5.37
N SER A 243 -0.77 19.07 5.70
CA SER A 243 -1.72 18.74 6.75
C SER A 243 -2.94 17.97 6.21
N GLU A 244 -3.79 17.40 7.11
CA GLU A 244 -4.99 16.66 6.65
C GLU A 244 -5.90 17.57 5.83
N GLN A 245 -6.06 18.84 6.26
CA GLN A 245 -6.90 19.78 5.51
C GLN A 245 -6.33 20.05 4.15
N GLN A 246 -5.01 20.32 4.10
CA GLN A 246 -4.30 20.56 2.84
C GLN A 246 -4.41 19.36 1.91
N ALA A 247 -4.47 18.14 2.46
CA ALA A 247 -4.61 16.94 1.66
C ALA A 247 -5.98 16.86 1.03
N LYS A 248 -7.03 17.35 1.72
CA LYS A 248 -8.38 17.30 1.18
C LYS A 248 -8.46 18.25 0.00
N SER A 249 -7.97 19.50 0.18
CA SER A 249 -7.98 20.52 -0.87
C SER A 249 -7.07 20.20 -2.03
N LEU A 250 -6.01 19.42 -1.80
CA LEU A 250 -5.13 18.98 -2.88
C LEU A 250 -5.92 18.06 -3.81
N LEU A 251 -6.73 17.16 -3.23
CA LEU A 251 -7.55 16.23 -3.96
C LEU A 251 -8.72 16.92 -4.65
N LYS A 252 -9.46 17.79 -3.93
CA LYS A 252 -10.60 18.53 -4.48
C LYS A 252 -10.19 19.57 -5.55
N ASN A 253 -8.87 19.94 -5.60
CA ASN A 253 -8.21 20.93 -6.49
C ASN A 253 -8.43 22.39 -6.07
N GLU A 254 -9.13 22.63 -4.94
CA GLU A 254 -9.41 23.95 -4.35
C GLU A 254 -8.23 24.37 -3.41
N ASN A 255 -7.00 24.40 -3.97
CA ASN A 255 -5.77 24.71 -3.24
C ASN A 255 -5.16 26.11 -3.62
N THR A 256 -4.05 26.51 -2.97
CA THR A 256 -3.31 27.75 -3.24
C THR A 256 -1.86 27.39 -3.70
N ARG A 257 -1.79 26.54 -4.76
CA ARG A 257 -0.58 26.06 -5.42
C ARG A 257 0.39 25.32 -4.44
N ASN A 258 1.43 26.00 -3.93
CA ASN A 258 2.45 25.43 -3.05
C ASN A 258 2.08 25.32 -1.57
N GLU A 259 0.77 25.26 -1.24
CA GLU A 259 0.37 25.16 0.17
C GLU A 259 0.96 23.92 0.86
N CYS A 260 1.76 24.15 1.93
CA CYS A 260 2.39 23.09 2.69
C CYS A 260 2.56 23.44 4.20
N SER A 261 2.89 22.45 5.05
CA SER A 261 3.00 22.66 6.49
C SER A 261 4.37 22.29 7.10
N GLY A 262 5.46 22.67 6.45
CA GLY A 262 6.79 22.43 7.01
C GLY A 262 7.89 22.15 6.01
N GLU A 263 9.13 22.25 6.48
CA GLU A 263 10.28 22.02 5.62
C GLU A 263 10.84 20.61 5.79
N ILE A 264 11.28 19.97 4.69
CA ILE A 264 11.93 18.65 4.73
C ILE A 264 13.34 18.81 4.18
N LEU A 265 14.34 18.37 4.94
CA LEU A 265 15.74 18.41 4.52
C LEU A 265 15.97 17.27 3.54
N ASN A 266 16.71 17.50 2.45
CA ASN A 266 16.93 16.48 1.42
C ASN A 266 15.61 16.01 0.81
N ASN A 267 14.65 16.94 0.66
CA ASN A 267 13.30 16.71 0.13
C ASN A 267 13.24 16.48 -1.37
N CYS A 268 14.39 16.37 -2.04
CA CYS A 268 14.45 16.23 -3.48
C CYS A 268 15.28 15.04 -3.87
N CYS A 269 14.81 14.33 -4.89
CA CYS A 269 15.47 13.13 -5.34
C CYS A 269 15.20 12.93 -6.82
N VAL A 270 16.10 12.23 -7.51
CA VAL A 270 15.93 11.94 -8.92
C VAL A 270 15.72 10.45 -9.08
N MET A 271 14.67 10.03 -9.79
CA MET A 271 14.39 8.61 -9.98
C MET A 271 15.54 7.87 -10.62
N GLU A 272 15.77 6.61 -10.23
CA GLU A 272 16.85 5.83 -10.80
C GLU A 272 16.34 4.54 -11.40
N TYR A 273 16.80 4.21 -12.61
CA TYR A 273 16.39 3.01 -13.31
C TYR A 273 17.42 1.93 -13.08
N HIS A 274 16.95 0.75 -12.74
CA HIS A 274 17.82 -0.39 -12.45
C HIS A 274 17.51 -1.43 -13.51
N GLN A 275 18.24 -1.41 -14.67
CA GLN A 275 18.06 -2.30 -15.83
C GLN A 275 17.78 -3.75 -15.45
N ALA A 276 18.58 -4.28 -14.53
CA ALA A 276 18.44 -5.64 -14.04
C ALA A 276 17.01 -6.00 -13.61
N THR A 277 16.36 -5.12 -12.82
CA THR A 277 15.00 -5.35 -12.28
C THR A 277 13.87 -4.61 -13.01
N GLY A 278 14.24 -3.69 -13.90
CA GLY A 278 13.30 -2.87 -14.65
C GLY A 278 12.58 -1.84 -13.80
N THR A 279 13.17 -1.47 -12.65
CA THR A 279 12.51 -0.55 -11.72
C THR A 279 12.96 0.88 -11.81
N LEU A 280 12.01 1.80 -11.98
CA LEU A 280 12.29 3.23 -11.94
C LEU A 280 11.82 3.73 -10.55
N SER A 281 12.76 4.15 -9.67
CA SER A 281 12.38 4.50 -8.31
C SER A 281 13.22 5.54 -7.57
N ALA A 282 12.54 6.53 -6.98
CA ALA A 282 13.18 7.52 -6.13
C ALA A 282 13.39 6.99 -4.68
N HIS A 283 14.65 6.81 -4.25
CA HIS A 283 14.96 6.37 -2.88
C HIS A 283 15.37 7.59 -2.03
N PHE A 284 14.44 8.17 -1.24
CA PHE A 284 14.79 9.28 -0.37
C PHE A 284 15.39 8.67 0.86
N ARG A 285 16.71 8.63 0.98
CA ARG A 285 17.37 7.97 2.10
C ARG A 285 17.71 8.86 3.29
N ASN A 286 17.83 10.17 3.05
CA ASN A 286 18.24 11.08 4.10
C ASN A 286 17.26 12.22 4.36
N MET A 287 15.95 11.95 4.40
CA MET A 287 14.97 12.99 4.73
C MET A 287 15.04 13.39 6.23
N SER A 288 14.40 14.51 6.60
CA SER A 288 14.37 15.00 7.99
C SER A 288 13.41 16.17 8.09
N LEU A 289 12.66 16.26 9.19
CA LEU A 289 11.71 17.35 9.36
C LEU A 289 12.40 18.48 10.07
N LYS A 290 12.64 19.58 9.34
CA LYS A 290 13.31 20.75 9.90
C LYS A 290 12.34 21.51 10.80
N ARG A 291 11.11 21.70 10.33
CA ARG A 291 10.10 22.42 11.10
C ARG A 291 8.70 22.00 10.70
N ILE A 292 7.73 22.21 11.61
CA ILE A 292 6.34 21.87 11.37
C ILE A 292 5.41 23.01 11.73
N LYS A 293 4.44 23.28 10.87
CA LYS A 293 3.43 24.29 11.13
C LYS A 293 2.21 23.54 11.66
N ARG A 294 1.70 23.94 12.82
CA ARG A 294 0.54 23.27 13.42
C ARG A 294 -0.57 24.27 13.70
N ALA A 295 -1.73 24.18 13.00
CA ALA A 295 -2.83 25.12 13.27
C ALA A 295 -3.46 24.86 14.65
N SER A 302 -5.88 18.12 19.99
CA SER A 302 -4.55 17.66 20.45
C SER A 302 -3.51 17.56 19.31
N VAL A 303 -2.21 17.68 19.65
CA VAL A 303 -1.07 17.53 18.71
C VAL A 303 -1.06 16.07 18.18
N THR A 304 -1.25 15.13 19.11
CA THR A 304 -1.35 13.70 18.97
C THR A 304 -2.40 13.27 17.94
N GLU A 305 -3.56 13.96 17.88
CA GLU A 305 -4.62 13.60 16.95
C GLU A 305 -4.52 14.29 15.58
N GLU A 306 -3.49 15.15 15.37
CA GLU A 306 -3.28 15.88 14.12
C GLU A 306 -2.54 15.05 13.09
N LYS A 307 -3.24 14.68 11.99
CA LYS A 307 -2.67 13.90 10.91
C LYS A 307 -2.06 14.73 9.77
N PHE A 308 -0.84 14.37 9.40
CA PHE A 308 -0.07 14.95 8.30
C PHE A 308 0.23 13.86 7.25
N THR A 309 0.71 14.23 6.05
CA THR A 309 1.09 13.25 5.04
C THR A 309 2.18 13.79 4.16
N VAL A 310 3.14 12.93 3.78
CA VAL A 310 4.21 13.39 2.89
C VAL A 310 3.75 13.24 1.45
N LEU A 311 3.63 14.38 0.74
CA LEU A 311 3.21 14.45 -0.65
C LEU A 311 4.43 14.38 -1.56
N PHE A 312 4.44 13.39 -2.47
CA PHE A 312 5.50 13.24 -3.46
C PHE A 312 4.94 13.65 -4.84
N GLU A 313 5.54 14.68 -5.46
CA GLU A 313 5.09 15.15 -6.76
C GLU A 313 6.15 14.88 -7.80
N SER A 314 5.78 14.77 -9.06
CA SER A 314 6.73 14.58 -10.15
C SER A 314 6.07 14.96 -11.47
N GLN A 315 6.86 15.49 -12.41
CA GLN A 315 6.34 15.88 -13.71
C GLN A 315 7.19 15.24 -14.76
N PHE A 316 6.58 14.56 -15.73
CA PHE A 316 7.31 13.90 -16.78
C PHE A 316 6.47 13.65 -18.04
N SER A 317 7.13 13.24 -19.14
CA SER A 317 6.49 13.01 -20.42
C SER A 317 6.72 11.59 -20.94
N VAL A 318 5.92 11.16 -21.95
CA VAL A 318 6.06 9.85 -22.57
C VAL A 318 6.29 9.94 -24.10
N GLY A 319 7.54 9.74 -24.53
CA GLY A 319 7.92 9.74 -25.93
C GLY A 319 8.28 11.08 -26.54
N SER A 320 7.39 12.07 -26.34
CA SER A 320 7.51 13.46 -26.79
C SER A 320 6.67 14.36 -25.86
N ASN A 321 6.89 15.69 -25.91
CA ASN A 321 6.12 16.61 -25.08
C ASN A 321 4.61 16.69 -25.47
N GLU A 322 4.16 15.78 -26.36
CA GLU A 322 2.74 15.65 -26.71
C GLU A 322 2.01 15.08 -25.47
N LEU A 323 2.63 14.08 -24.79
CA LEU A 323 2.04 13.46 -23.61
C LEU A 323 2.80 13.76 -22.33
N VAL A 324 2.36 14.75 -21.57
CA VAL A 324 2.97 15.13 -20.30
C VAL A 324 2.01 14.89 -19.11
N PHE A 325 2.53 14.41 -17.99
CA PHE A 325 1.72 14.13 -16.81
C PHE A 325 2.27 14.77 -15.53
N GLN A 326 1.41 14.94 -14.55
CA GLN A 326 1.78 15.48 -13.27
C GLN A 326 1.27 14.48 -12.25
N VAL A 327 2.19 13.71 -11.66
CA VAL A 327 1.81 12.69 -10.71
C VAL A 327 1.95 13.16 -9.28
N LYS A 328 1.01 12.70 -8.43
CA LYS A 328 0.96 13.02 -7.01
C LYS A 328 0.53 11.79 -6.23
N THR A 329 1.32 11.38 -5.24
CA THR A 329 0.97 10.27 -4.37
C THR A 329 1.13 10.71 -2.93
N LEU A 330 0.16 10.35 -2.09
CA LEU A 330 0.22 10.72 -0.68
C LEU A 330 0.60 9.53 0.17
N SER A 331 1.41 9.75 1.20
CA SER A 331 1.79 8.68 2.13
C SER A 331 0.64 8.37 3.10
N LEU A 332 0.79 7.29 3.89
CA LEU A 332 -0.16 6.99 4.96
C LEU A 332 -0.04 8.12 6.01
N PRO A 333 -1.11 8.49 6.72
CA PRO A 333 -1.01 9.62 7.65
C PRO A 333 0.06 9.43 8.71
N VAL A 334 0.79 10.48 8.91
CA VAL A 334 1.86 10.55 9.86
C VAL A 334 1.44 11.53 10.96
N VAL A 335 1.87 11.25 12.20
CA VAL A 335 1.65 12.13 13.33
C VAL A 335 3.03 12.64 13.72
N VAL A 336 3.17 13.96 13.85
CA VAL A 336 4.48 14.53 14.21
C VAL A 336 4.60 14.78 15.71
N ILE A 337 5.68 14.31 16.33
CA ILE A 337 5.94 14.54 17.74
C ILE A 337 7.26 15.29 17.87
N VAL A 338 7.32 16.17 18.86
CA VAL A 338 8.51 16.99 19.08
C VAL A 338 9.34 16.51 20.30
N HIS A 339 8.68 15.84 21.27
CA HIS A 339 9.28 15.41 22.51
C HIS A 339 9.75 13.95 22.59
N GLY A 340 8.97 13.03 22.06
CA GLY A 340 9.28 11.61 22.17
C GLY A 340 8.37 10.97 23.19
N SER A 341 8.12 11.69 24.29
CA SER A 341 7.18 11.31 25.34
C SER A 341 5.71 11.37 24.81
N GLN A 342 5.47 12.09 23.67
CA GLN A 342 4.16 12.17 23.03
C GLN A 342 3.83 10.91 22.19
N ASP A 343 4.79 9.97 22.05
CA ASP A 343 4.65 8.74 21.29
C ASP A 343 3.49 7.86 21.78
N HIS A 344 3.27 7.80 23.12
CA HIS A 344 2.20 7.00 23.72
C HIS A 344 0.86 7.17 23.03
N ASN A 345 0.42 8.42 22.87
CA ASN A 345 -0.88 8.70 22.26
C ASN A 345 -0.85 8.83 20.75
N ALA A 346 0.32 9.13 20.18
CA ALA A 346 0.47 9.26 18.74
C ALA A 346 0.20 7.91 18.08
N THR A 347 0.79 6.85 18.65
CA THR A 347 0.63 5.47 18.19
C THR A 347 -0.83 5.06 18.15
N ALA A 348 -1.63 5.54 19.09
CA ALA A 348 -3.04 5.20 19.15
C ALA A 348 -3.85 5.75 17.99
N THR A 349 -3.59 7.00 17.58
CA THR A 349 -4.36 7.60 16.49
C THR A 349 -3.98 6.97 15.13
N VAL A 350 -2.69 6.59 14.99
CA VAL A 350 -2.13 5.92 13.81
C VAL A 350 -2.67 4.51 13.75
N LEU A 351 -2.65 3.78 14.87
CA LEU A 351 -3.20 2.42 15.03
C LEU A 351 -4.66 2.44 14.59
N TRP A 352 -5.43 3.44 15.01
CA TRP A 352 -6.82 3.55 14.60
C TRP A 352 -6.93 3.77 13.09
N ASP A 353 -6.07 4.64 12.56
CA ASP A 353 -6.11 4.96 11.14
C ASP A 353 -5.79 3.79 10.24
N ASN A 354 -4.69 3.09 10.50
CA ASN A 354 -4.32 1.95 9.69
C ASN A 354 -5.32 0.80 9.77
N ALA A 355 -6.03 0.69 10.88
CA ALA A 355 -6.96 -0.39 11.06
C ALA A 355 -8.33 -0.12 10.50
N PHE A 356 -8.89 1.06 10.75
CA PHE A 356 -10.28 1.28 10.44
C PHE A 356 -10.55 2.18 9.27
N ALA A 357 -9.53 2.53 8.47
CA ALA A 357 -9.74 3.38 7.30
C ALA A 357 -10.49 2.63 6.18
N GLU A 358 -11.56 3.25 5.68
CA GLU A 358 -12.39 2.67 4.62
C GLU A 358 -11.82 3.02 3.24
N PRO A 359 -11.98 2.12 2.25
CA PRO A 359 -11.42 2.42 0.92
C PRO A 359 -12.15 3.57 0.23
N GLY A 360 -11.38 4.39 -0.50
CA GLY A 360 -11.90 5.54 -1.23
C GLY A 360 -12.33 6.69 -0.35
N ARG A 361 -11.73 6.78 0.84
CA ARG A 361 -12.07 7.81 1.79
C ARG A 361 -11.46 9.17 1.45
N VAL A 362 -12.07 10.25 1.96
CA VAL A 362 -11.51 11.59 1.82
C VAL A 362 -10.31 11.64 2.77
N PRO A 363 -9.14 12.17 2.35
CA PRO A 363 -7.93 12.15 3.17
C PRO A 363 -7.97 11.40 4.52
N PHE A 364 -7.95 11.99 5.74
CA PHE A 364 -7.76 11.10 6.89
C PHE A 364 -9.00 10.89 7.76
N ALA A 365 -10.08 10.55 7.05
CA ALA A 365 -11.37 10.22 7.63
C ALA A 365 -11.33 8.79 8.15
N VAL A 366 -11.77 8.60 9.40
CA VAL A 366 -11.85 7.31 10.10
C VAL A 366 -13.21 7.22 10.81
N PRO A 367 -13.73 6.00 11.05
CA PRO A 367 -15.02 5.89 11.73
C PRO A 367 -14.93 6.33 13.19
N ASP A 368 -16.01 6.96 13.72
CA ASP A 368 -16.03 7.40 15.12
C ASP A 368 -16.09 6.16 16.03
N LYS A 369 -16.93 5.17 15.67
CA LYS A 369 -17.01 3.94 16.45
C LYS A 369 -16.79 2.71 15.58
N VAL A 370 -16.42 1.61 16.21
CA VAL A 370 -16.06 0.34 15.59
C VAL A 370 -16.55 -0.81 16.52
N LEU A 371 -16.86 -1.99 15.96
CA LEU A 371 -17.28 -3.14 16.78
C LEU A 371 -16.08 -3.80 17.48
N TRP A 372 -16.27 -4.20 18.75
CA TRP A 372 -15.23 -4.80 19.58
C TRP A 372 -14.29 -5.89 18.91
N PRO A 373 -14.80 -6.86 18.10
CA PRO A 373 -13.89 -7.86 17.51
C PRO A 373 -12.94 -7.26 16.45
N GLN A 374 -13.33 -6.10 15.84
CA GLN A 374 -12.51 -5.39 14.86
C GLN A 374 -11.31 -4.79 15.60
N LEU A 375 -11.58 -4.16 16.78
CA LEU A 375 -10.55 -3.59 17.66
C LEU A 375 -9.68 -4.73 18.23
N CYS A 376 -10.25 -5.92 18.45
CA CYS A 376 -9.50 -7.07 18.90
C CYS A 376 -8.42 -7.47 17.95
N GLU A 377 -8.73 -7.49 16.64
CA GLU A 377 -7.76 -7.82 15.57
C GLU A 377 -6.57 -6.85 15.64
N ALA A 378 -6.90 -5.53 15.73
CA ALA A 378 -5.95 -4.44 15.77
C ALA A 378 -5.04 -4.54 16.98
N LEU A 379 -5.62 -4.82 18.16
CA LEU A 379 -4.81 -4.96 19.36
C LEU A 379 -3.92 -6.19 19.29
N ASN A 380 -4.44 -7.35 18.82
CA ASN A 380 -3.68 -8.60 18.73
C ASN A 380 -2.48 -8.53 17.80
N MET A 381 -2.70 -7.90 16.63
CA MET A 381 -1.74 -7.70 15.54
C MET A 381 -0.52 -6.89 16.05
N LYS A 382 -0.81 -5.70 16.65
CA LYS A 382 0.13 -4.75 17.23
C LYS A 382 0.84 -5.39 18.43
N PHE A 383 0.09 -6.11 19.27
CA PHE A 383 0.63 -6.74 20.48
C PHE A 383 1.72 -7.72 20.13
N LYS A 384 1.46 -8.65 19.19
CA LYS A 384 2.45 -9.65 18.80
C LYS A 384 3.69 -8.98 18.24
N ALA A 385 3.46 -7.97 17.37
CA ALA A 385 4.52 -7.22 16.75
C ALA A 385 5.40 -6.52 17.78
N GLU A 386 4.80 -5.89 18.79
CA GLU A 386 5.52 -5.12 19.82
C GLU A 386 6.32 -6.00 20.75
N VAL A 387 5.71 -7.07 21.24
CA VAL A 387 6.42 -7.98 22.14
C VAL A 387 7.37 -8.92 21.38
N GLN A 388 7.25 -9.00 20.03
CA GLN A 388 8.07 -9.85 19.15
C GLN A 388 7.88 -11.29 19.51
N SER A 389 6.62 -11.74 19.48
CA SER A 389 6.29 -13.13 19.80
C SER A 389 5.06 -13.60 19.06
N ASN A 390 4.97 -14.92 18.89
CA ASN A 390 3.81 -15.55 18.24
C ASN A 390 2.64 -15.79 19.21
N ARG A 391 2.93 -15.72 20.53
CA ARG A 391 1.97 -15.83 21.62
C ARG A 391 1.22 -14.49 21.67
N GLY A 392 0.02 -14.47 21.11
CA GLY A 392 -0.77 -13.26 21.07
C GLY A 392 -1.73 -13.16 22.25
N LEU A 393 -2.90 -12.57 22.00
CA LEU A 393 -3.92 -12.46 23.02
C LEU A 393 -4.87 -13.63 22.82
N THR A 394 -4.94 -14.52 23.83
CA THR A 394 -5.85 -15.68 23.81
C THR A 394 -7.33 -15.22 23.91
N LYS A 395 -8.30 -16.16 23.79
CA LYS A 395 -9.71 -15.79 23.90
C LYS A 395 -10.00 -15.26 25.31
N GLU A 396 -9.40 -15.90 26.36
CA GLU A 396 -9.50 -15.48 27.76
C GLU A 396 -8.98 -14.04 27.99
N ASN A 397 -7.80 -13.71 27.39
CA ASN A 397 -7.18 -12.39 27.45
C ASN A 397 -8.10 -11.36 26.81
N LEU A 398 -8.73 -11.70 25.68
CA LEU A 398 -9.64 -10.79 25.01
C LEU A 398 -10.81 -10.41 25.86
N VAL A 399 -11.31 -11.37 26.65
CA VAL A 399 -12.42 -11.18 27.58
C VAL A 399 -11.98 -10.27 28.70
N PHE A 400 -10.78 -10.50 29.26
CA PHE A 400 -10.24 -9.64 30.31
C PHE A 400 -10.23 -8.17 29.90
N LEU A 401 -9.83 -7.88 28.64
CA LEU A 401 -9.75 -6.52 28.10
C LEU A 401 -11.15 -5.98 27.81
N ALA A 402 -12.08 -6.83 27.41
CA ALA A 402 -13.46 -6.42 27.17
C ALA A 402 -14.15 -6.08 28.50
N GLN A 403 -13.78 -6.79 29.58
CA GLN A 403 -14.31 -6.54 30.92
C GLN A 403 -13.80 -5.18 31.37
N LYS A 404 -12.48 -4.96 31.24
CA LYS A 404 -11.81 -3.70 31.58
C LYS A 404 -12.40 -2.54 30.77
N LEU A 405 -12.46 -2.69 29.44
CA LEU A 405 -12.93 -1.63 28.58
C LEU A 405 -14.39 -1.29 28.81
N PHE A 406 -15.28 -2.26 28.65
CA PHE A 406 -16.70 -1.99 28.74
C PHE A 406 -17.26 -1.90 30.17
N ASN A 407 -16.43 -2.22 31.19
CA ASN A 407 -16.84 -2.28 32.60
C ASN A 407 -18.02 -3.25 32.74
N ASN A 408 -17.85 -4.44 32.15
CA ASN A 408 -18.86 -5.49 32.13
C ASN A 408 -18.38 -6.71 32.87
N SER A 409 -19.31 -7.49 33.40
CA SER A 409 -18.99 -8.64 34.23
C SER A 409 -18.71 -9.93 33.46
N SER A 410 -19.51 -10.21 32.41
CA SER A 410 -19.49 -11.41 31.57
C SER A 410 -18.15 -12.01 31.28
N SER A 411 -18.09 -13.35 31.24
CA SER A 411 -16.87 -14.04 30.86
C SER A 411 -17.02 -14.73 29.50
N HIS A 412 -17.90 -14.21 28.63
CA HIS A 412 -18.14 -14.79 27.32
C HIS A 412 -17.82 -13.79 26.21
N LEU A 413 -16.76 -14.07 25.43
CA LEU A 413 -16.29 -13.20 24.35
C LEU A 413 -17.39 -12.84 23.35
N GLU A 414 -18.29 -13.82 23.08
CA GLU A 414 -19.44 -13.70 22.19
C GLU A 414 -20.45 -12.66 22.67
N ASP A 415 -20.46 -12.33 23.96
CA ASP A 415 -21.37 -11.34 24.49
C ASP A 415 -21.02 -9.95 23.98
N TYR A 416 -19.72 -9.66 23.89
CA TYR A 416 -19.23 -8.34 23.50
C TYR A 416 -19.30 -8.04 22.00
N SER A 417 -19.49 -9.08 21.18
CA SER A 417 -19.51 -9.05 19.71
C SER A 417 -20.33 -7.92 19.05
N GLY A 418 -21.46 -7.53 19.61
CA GLY A 418 -22.26 -6.46 19.03
C GLY A 418 -21.97 -5.06 19.57
N LEU A 419 -21.11 -4.97 20.59
CA LEU A 419 -20.77 -3.71 21.24
C LEU A 419 -19.80 -2.84 20.44
N SER A 420 -19.85 -1.52 20.67
CA SER A 420 -19.00 -0.62 19.92
C SER A 420 -18.10 0.27 20.76
N VAL A 421 -16.83 0.26 20.40
CA VAL A 421 -15.82 1.09 21.01
C VAL A 421 -15.72 2.36 20.18
N SER A 422 -15.93 3.50 20.81
CA SER A 422 -15.80 4.80 20.15
C SER A 422 -14.33 5.21 20.24
N TRP A 423 -13.91 6.26 19.50
CA TRP A 423 -12.54 6.75 19.61
C TRP A 423 -12.33 7.29 21.04
N SER A 424 -13.28 8.12 21.55
CA SER A 424 -13.23 8.68 22.91
C SER A 424 -13.19 7.56 23.98
N GLN A 425 -13.95 6.45 23.78
CA GLN A 425 -13.93 5.30 24.68
C GLN A 425 -12.55 4.59 24.67
N PHE A 426 -11.79 4.70 23.56
CA PHE A 426 -10.51 4.05 23.38
C PHE A 426 -9.30 4.85 23.86
N ASN A 427 -9.22 6.16 23.57
CA ASN A 427 -8.08 6.96 24.02
C ASN A 427 -8.39 8.45 24.18
N ARG A 428 -9.48 8.78 24.84
CA ARG A 428 -9.82 10.16 25.14
C ARG A 428 -10.38 10.26 26.57
N GLU A 429 -11.55 9.64 26.83
CA GLU A 429 -12.12 9.58 28.17
C GLU A 429 -11.41 8.48 28.99
N ASN A 430 -11.14 8.76 30.27
CA ASN A 430 -10.47 7.79 31.13
C ASN A 430 -11.41 6.64 31.52
N LEU A 431 -10.85 5.52 32.00
CA LEU A 431 -11.65 4.38 32.42
C LEU A 431 -12.35 4.67 33.76
N PRO A 432 -13.51 4.00 34.03
CA PRO A 432 -14.29 4.19 35.26
C PRO A 432 -13.62 4.89 36.47
N GLY A 433 -12.81 4.19 37.27
CA GLY A 433 -12.21 4.81 38.44
C GLY A 433 -10.73 5.08 38.24
N TRP A 434 -10.34 5.44 37.00
CA TRP A 434 -8.92 5.60 36.70
C TRP A 434 -8.55 6.92 36.08
N ASN A 435 -7.26 7.29 36.22
CA ASN A 435 -6.75 8.52 35.63
C ASN A 435 -6.08 8.27 34.25
N TYR A 436 -6.40 7.14 33.59
CA TYR A 436 -5.84 6.78 32.28
C TYR A 436 -6.93 6.20 31.35
N THR A 437 -6.65 6.16 30.02
CA THR A 437 -7.57 5.59 29.02
C THR A 437 -7.26 4.08 28.80
N PHE A 438 -8.12 3.38 28.03
CA PHE A 438 -7.90 1.99 27.70
C PHE A 438 -6.59 1.84 26.92
N TRP A 439 -6.35 2.74 25.93
CA TRP A 439 -5.11 2.66 25.16
C TRP A 439 -3.89 2.90 26.03
N GLN A 440 -3.98 3.81 27.00
CA GLN A 440 -2.85 4.07 27.89
C GLN A 440 -2.52 2.83 28.70
N TRP A 441 -3.58 2.15 29.23
CA TRP A 441 -3.42 0.94 30.01
C TRP A 441 -2.78 -0.16 29.19
N PHE A 442 -3.40 -0.47 28.01
CA PHE A 442 -2.96 -1.48 27.07
C PHE A 442 -1.52 -1.22 26.56
N ASP A 443 -1.26 -0.02 26.03
CA ASP A 443 0.07 0.36 25.57
C ASP A 443 1.10 0.26 26.69
N GLY A 444 0.67 0.54 27.92
CA GLY A 444 1.51 0.48 29.11
C GLY A 444 2.06 -0.92 29.29
N VAL A 445 1.17 -1.93 29.11
CA VAL A 445 1.50 -3.36 29.16
C VAL A 445 2.49 -3.75 28.07
N MET A 446 2.24 -3.36 26.81
CA MET A 446 3.19 -3.65 25.74
C MET A 446 4.53 -3.01 26.02
N GLU A 447 4.53 -1.78 26.54
CA GLU A 447 5.77 -1.07 26.80
C GLU A 447 6.61 -1.74 27.88
N VAL A 448 6.02 -2.14 29.02
CA VAL A 448 6.81 -2.82 30.06
C VAL A 448 7.25 -4.20 29.56
N LEU A 449 6.41 -4.86 28.77
CA LEU A 449 6.71 -6.17 28.20
C LEU A 449 7.84 -6.10 27.13
N LYS A 450 7.90 -5.00 26.37
CA LYS A 450 8.87 -4.85 25.31
C LYS A 450 10.25 -4.53 25.83
N LYS A 451 10.38 -3.50 26.71
CA LYS A 451 11.67 -3.07 27.27
C LYS A 451 12.44 -4.21 27.90
N HIS A 452 11.76 -4.99 28.69
CA HIS A 452 12.27 -6.17 29.37
C HIS A 452 11.13 -7.19 29.34
N HIS A 453 11.39 -8.46 29.67
CA HIS A 453 10.32 -9.49 29.70
C HIS A 453 9.84 -9.94 28.32
N LYS A 454 10.60 -9.67 27.27
CA LYS A 454 10.27 -10.19 25.95
C LYS A 454 10.44 -11.73 25.96
N PRO A 455 11.61 -12.27 26.44
CA PRO A 455 11.75 -13.73 26.49
C PRO A 455 10.76 -14.31 27.49
N HIS A 456 10.55 -13.63 28.64
CA HIS A 456 9.63 -14.04 29.69
C HIS A 456 8.21 -14.17 29.17
N TRP A 457 7.75 -13.21 28.34
CA TRP A 457 6.40 -13.29 27.79
C TRP A 457 6.28 -14.45 26.84
N ASN A 458 7.31 -14.65 26.02
CA ASN A 458 7.32 -15.71 25.03
C ASN A 458 7.31 -17.07 25.74
N ASP A 459 8.16 -17.23 26.76
CA ASP A 459 8.26 -18.47 27.52
C ASP A 459 7.04 -18.76 28.43
N GLY A 460 5.98 -17.96 28.31
CA GLY A 460 4.76 -18.13 29.08
C GLY A 460 4.78 -17.75 30.56
N ALA A 461 5.96 -17.37 31.09
CA ALA A 461 6.13 -16.99 32.50
C ALA A 461 5.24 -15.83 32.99
N ILE A 462 4.66 -15.05 32.08
CA ILE A 462 3.78 -13.94 32.47
C ILE A 462 2.39 -14.23 31.98
N LEU A 463 1.52 -14.62 32.89
CA LEU A 463 0.12 -14.90 32.58
C LEU A 463 -0.55 -13.55 32.20
N GLY A 464 -0.30 -12.54 33.02
CA GLY A 464 -0.69 -11.17 32.83
C GLY A 464 -2.15 -10.76 32.89
N PHE A 465 -2.91 -11.07 31.84
CA PHE A 465 -4.27 -10.57 31.71
C PHE A 465 -5.34 -11.32 32.54
N VAL A 466 -5.22 -11.23 33.87
CA VAL A 466 -6.15 -11.79 34.84
C VAL A 466 -6.44 -10.72 35.91
N ASN A 467 -7.71 -10.55 36.32
CA ASN A 467 -8.01 -9.59 37.38
C ASN A 467 -7.66 -10.19 38.75
N LYS A 468 -7.53 -9.33 39.79
CA LYS A 468 -7.17 -9.74 41.16
C LYS A 468 -7.99 -10.94 41.65
N GLN A 469 -9.30 -10.94 41.34
CA GLN A 469 -10.18 -12.01 41.73
C GLN A 469 -9.84 -13.29 40.98
N GLN A 470 -9.76 -13.24 39.63
CA GLN A 470 -9.41 -14.38 38.76
C GLN A 470 -8.17 -15.13 39.27
N ALA A 471 -7.14 -14.38 39.71
CA ALA A 471 -5.88 -14.90 40.21
C ALA A 471 -6.03 -15.66 41.51
N HIS A 472 -6.91 -15.18 42.38
CA HIS A 472 -7.19 -15.82 43.65
C HIS A 472 -7.95 -17.12 43.37
N ASP A 473 -8.97 -17.05 42.49
CA ASP A 473 -9.80 -18.18 42.11
C ASP A 473 -9.07 -19.11 41.13
N LEU A 474 -7.75 -19.29 41.34
CA LEU A 474 -6.81 -20.11 40.58
C LEU A 474 -5.70 -20.59 41.50
N LEU A 475 -5.27 -19.74 42.43
CA LEU A 475 -4.15 -20.04 43.32
C LEU A 475 -4.52 -20.70 44.66
N ILE A 476 -5.80 -20.56 45.10
CA ILE A 476 -6.26 -21.13 46.38
C ILE A 476 -5.92 -22.62 46.52
N ASN A 477 -6.30 -23.42 45.49
CA ASN A 477 -6.08 -24.87 45.46
C ASN A 477 -4.66 -25.27 45.03
N LYS A 478 -3.65 -24.47 45.43
CA LYS A 478 -2.25 -24.72 45.08
C LYS A 478 -1.31 -24.61 46.32
N PRO A 479 -0.16 -25.30 46.29
CA PRO A 479 0.77 -25.27 47.43
C PRO A 479 1.32 -23.90 47.86
N ASP A 480 1.82 -23.82 49.10
CA ASP A 480 2.40 -22.60 49.66
C ASP A 480 3.60 -22.15 48.83
N GLY A 481 3.53 -20.94 48.29
CA GLY A 481 4.59 -20.40 47.44
C GLY A 481 4.30 -20.49 45.95
N THR A 482 3.07 -20.85 45.56
CA THR A 482 2.69 -20.91 44.15
C THR A 482 2.21 -19.52 43.72
N PHE A 483 2.87 -18.92 42.71
CA PHE A 483 2.51 -17.56 42.30
C PHE A 483 2.18 -17.41 40.81
N LEU A 484 1.71 -16.22 40.41
CA LEU A 484 1.46 -15.87 39.03
C LEU A 484 1.80 -14.40 38.75
N LEU A 485 2.29 -14.07 37.52
CA LEU A 485 2.61 -12.68 37.21
C LEU A 485 1.45 -12.02 36.50
N ARG A 486 0.99 -10.89 37.06
CA ARG A 486 -0.24 -10.19 36.68
C ARG A 486 0.00 -8.73 36.33
N PHE A 487 -0.89 -8.12 35.53
CA PHE A 487 -0.73 -6.70 35.20
C PHE A 487 -1.50 -5.84 36.19
N SER A 488 -0.81 -4.90 36.81
CA SER A 488 -1.42 -3.98 37.76
C SER A 488 -2.49 -3.09 37.08
N ASP A 489 -3.64 -2.86 37.75
CA ASP A 489 -4.70 -1.97 37.27
C ASP A 489 -4.33 -0.54 37.69
N SER A 490 -3.92 -0.35 38.94
CA SER A 490 -3.62 0.93 39.56
C SER A 490 -2.40 1.66 39.06
N GLU A 491 -1.48 0.94 38.39
CA GLU A 491 -0.25 1.55 37.88
C GLU A 491 0.09 1.15 36.46
N ILE A 492 0.15 2.12 35.56
CA ILE A 492 0.50 1.90 34.16
C ILE A 492 1.88 1.23 34.03
N GLY A 493 1.92 0.12 33.32
CA GLY A 493 3.17 -0.60 33.08
C GLY A 493 3.70 -1.34 34.28
N GLY A 494 2.79 -1.74 35.16
CA GLY A 494 3.17 -2.47 36.35
C GLY A 494 2.89 -3.94 36.29
N ILE A 495 3.73 -4.72 36.97
CA ILE A 495 3.60 -6.17 37.09
C ILE A 495 3.55 -6.49 38.60
N THR A 496 2.48 -7.21 39.03
CA THR A 496 2.20 -7.61 40.42
C THR A 496 2.36 -9.11 40.58
N ILE A 497 2.97 -9.55 41.68
CA ILE A 497 3.05 -10.98 41.95
C ILE A 497 1.87 -11.36 42.83
N ALA A 498 1.10 -12.37 42.41
CA ALA A 498 -0.03 -12.84 43.20
C ALA A 498 0.32 -14.25 43.65
N TRP A 499 0.31 -14.56 44.97
CA TRP A 499 0.65 -15.92 45.42
C TRP A 499 -0.19 -16.42 46.60
N LYS A 500 -0.47 -17.73 46.63
CA LYS A 500 -1.23 -18.36 47.70
C LYS A 500 -0.26 -18.92 48.73
N PHE A 501 -0.51 -18.60 50.01
CA PHE A 501 0.34 -19.04 51.10
C PHE A 501 -0.49 -19.04 52.38
N ASP A 502 -1.08 -20.22 52.74
CA ASP A 502 -1.93 -20.46 53.93
C ASP A 502 -1.45 -19.69 55.15
N SER A 503 -2.31 -18.83 55.70
CA SER A 503 -1.93 -17.97 56.82
C SER A 503 -3.16 -17.37 57.57
N PRO A 504 -2.94 -16.76 58.79
CA PRO A 504 -4.07 -16.18 59.53
C PRO A 504 -4.79 -15.03 58.81
N GLU A 505 -6.13 -15.18 58.66
CA GLU A 505 -7.08 -14.21 58.07
C GLU A 505 -6.79 -13.73 56.61
N ARG A 506 -5.96 -14.45 55.82
CA ARG A 506 -5.63 -14.13 54.41
C ARG A 506 -4.78 -15.22 53.80
N ASN A 507 -5.31 -15.91 52.78
CA ASN A 507 -4.57 -16.99 52.12
C ASN A 507 -3.93 -16.54 50.79
N LEU A 508 -4.59 -15.65 50.04
CA LEU A 508 -4.04 -15.10 48.80
C LEU A 508 -3.30 -13.79 49.10
N TRP A 509 -2.19 -13.56 48.39
CA TRP A 509 -1.37 -12.36 48.60
C TRP A 509 -1.04 -11.58 47.33
N ASN A 510 -1.33 -10.28 47.28
CA ASN A 510 -1.02 -9.45 46.14
C ASN A 510 0.13 -8.51 46.48
N LEU A 511 1.35 -8.79 46.01
CA LEU A 511 2.52 -7.96 46.28
C LEU A 511 2.51 -6.63 45.47
N LYS A 512 3.19 -5.60 45.97
CA LYS A 512 3.25 -4.28 45.34
C LYS A 512 3.77 -4.35 43.89
N PRO A 513 3.12 -3.60 42.99
CA PRO A 513 3.52 -3.66 41.56
C PRO A 513 4.83 -2.99 41.28
N PHE A 514 5.66 -3.65 40.45
CA PHE A 514 6.94 -3.16 39.99
C PHE A 514 6.75 -2.46 38.66
N THR A 515 7.45 -1.34 38.46
CA THR A 515 7.43 -0.66 37.17
C THR A 515 8.85 -0.65 36.60
N THR A 516 9.02 -0.23 35.32
CA THR A 516 10.31 -0.23 34.65
C THR A 516 11.45 0.39 35.43
N ARG A 517 11.17 1.34 36.34
CA ARG A 517 12.24 1.95 37.15
C ARG A 517 12.86 0.90 38.05
N ASP A 518 12.00 0.05 38.67
CA ASP A 518 12.36 -1.03 39.59
C ASP A 518 13.13 -2.13 38.86
N PHE A 519 12.71 -2.45 37.63
CA PHE A 519 13.38 -3.46 36.83
C PHE A 519 14.77 -2.96 36.38
N SER A 520 14.90 -1.66 36.13
CA SER A 520 16.18 -1.07 35.77
C SER A 520 17.22 -1.21 36.89
N ILE A 521 16.79 -1.36 38.12
CA ILE A 521 17.66 -1.57 39.26
C ILE A 521 17.92 -3.07 39.45
N ARG A 522 16.86 -3.88 39.47
CA ARG A 522 17.00 -5.34 39.62
C ARG A 522 15.95 -5.99 38.71
N SER A 523 16.38 -6.94 37.85
CA SER A 523 15.51 -7.59 36.85
C SER A 523 14.32 -8.34 37.44
N LEU A 524 13.33 -8.73 36.61
CA LEU A 524 12.18 -9.51 37.09
C LEU A 524 12.68 -10.84 37.67
N ALA A 525 13.60 -11.51 36.95
CA ALA A 525 14.15 -12.77 37.43
C ALA A 525 14.94 -12.59 38.73
N ASP A 526 15.93 -11.68 38.81
CA ASP A 526 16.68 -11.48 40.05
C ASP A 526 15.80 -11.20 41.25
N ARG A 527 14.75 -10.37 41.09
CA ARG A 527 13.80 -10.03 42.17
C ARG A 527 13.01 -11.24 42.62
N LEU A 528 12.62 -12.11 41.68
CA LEU A 528 11.90 -13.32 42.04
C LEU A 528 12.85 -14.26 42.79
N GLY A 529 14.09 -14.39 42.33
CA GLY A 529 15.10 -15.21 42.98
C GLY A 529 15.44 -14.79 44.39
N ASP A 530 15.35 -13.48 44.69
CA ASP A 530 15.64 -12.97 46.03
C ASP A 530 14.53 -13.42 47.02
N LEU A 531 13.26 -13.41 46.56
CA LEU A 531 12.12 -13.81 47.40
C LEU A 531 11.96 -15.33 47.54
N SER A 532 12.46 -15.84 48.68
CA SER A 532 12.42 -17.25 49.04
C SER A 532 11.00 -17.80 49.14
N TYR A 533 10.01 -16.95 49.56
CA TYR A 533 8.60 -17.35 49.69
C TYR A 533 7.86 -17.69 48.41
N LEU A 534 8.53 -17.55 47.29
CA LEU A 534 8.00 -17.87 45.99
C LEU A 534 8.76 -19.11 45.56
N ILE A 535 8.04 -20.17 45.17
CA ILE A 535 8.71 -21.45 44.86
C ILE A 535 8.14 -22.14 43.60
N TYR A 536 6.86 -21.94 43.29
CA TYR A 536 6.25 -22.63 42.16
C TYR A 536 5.50 -21.66 41.28
N VAL A 537 5.93 -21.49 40.01
CA VAL A 537 5.20 -20.60 39.11
C VAL A 537 4.00 -21.37 38.58
N PHE A 538 2.88 -20.69 38.44
CA PHE A 538 1.62 -21.26 37.99
C PHE A 538 1.71 -21.99 36.65
N PRO A 539 1.20 -23.24 36.57
CA PRO A 539 0.49 -24.00 37.61
C PRO A 539 1.35 -24.94 38.48
N ASP A 540 2.20 -25.78 37.87
CA ASP A 540 3.04 -26.69 38.66
C ASP A 540 4.53 -26.32 38.68
N ARG A 541 5.15 -26.05 37.47
CA ARG A 541 6.57 -25.75 37.23
C ARG A 541 7.27 -24.87 38.27
N PRO A 542 8.42 -25.34 38.80
CA PRO A 542 9.13 -24.55 39.82
C PRO A 542 9.80 -23.26 39.32
N LYS A 543 9.99 -22.30 40.25
CA LYS A 543 10.58 -20.98 40.01
C LYS A 543 11.94 -21.05 39.33
N ASP A 544 12.90 -21.78 39.92
CA ASP A 544 14.23 -21.89 39.31
C ASP A 544 14.20 -22.55 37.94
N GLU A 545 13.22 -23.41 37.69
CA GLU A 545 13.07 -24.05 36.38
C GLU A 545 12.71 -23.02 35.31
N VAL A 546 11.96 -21.98 35.66
CA VAL A 546 11.55 -20.96 34.70
C VAL A 546 12.48 -19.73 34.64
N PHE A 547 13.18 -19.38 35.73
CA PHE A 547 13.98 -18.15 35.77
C PHE A 547 15.50 -18.34 36.01
N SER A 548 15.99 -19.60 36.09
CA SER A 548 17.42 -19.90 36.26
C SER A 548 18.27 -19.34 35.12
N LYS A 549 17.68 -19.35 33.92
CA LYS A 549 18.22 -18.84 32.68
C LYS A 549 18.57 -17.36 32.80
N TYR A 550 17.75 -16.60 33.52
CA TYR A 550 17.87 -15.17 33.62
C TYR A 550 18.49 -14.64 34.90
N TYR A 551 18.87 -15.50 35.88
CA TYR A 551 19.49 -14.98 37.11
C TYR A 551 20.86 -14.45 36.76
N THR A 552 21.22 -13.32 37.36
CA THR A 552 22.50 -12.69 37.09
C THR A 552 23.65 -13.39 37.75
N PRO A 553 24.60 -13.88 36.96
CA PRO A 553 25.81 -14.46 37.55
C PRO A 553 26.67 -13.28 37.97
N VAL A 554 26.79 -13.03 39.28
CA VAL A 554 27.57 -11.88 39.76
C VAL A 554 29.04 -11.96 39.30
N LEU A 555 29.44 -10.97 38.52
CA LEU A 555 30.76 -10.85 37.94
C LEU A 555 31.66 -9.98 38.85
N ALA A 556 32.89 -10.45 39.08
CA ALA A 556 33.87 -9.73 39.87
C ALA A 556 34.29 -8.43 39.18
N LYS A 557 34.50 -7.36 39.98
CA LYS A 557 34.91 -6.06 39.45
C LYS A 557 36.43 -5.93 39.28
N ALA A 558 36.85 -5.23 38.22
CA ALA A 558 38.26 -5.01 37.93
C ALA A 558 38.92 -4.14 38.99
N VAL A 559 38.15 -3.15 39.51
CA VAL A 559 38.54 -2.20 40.55
C VAL A 559 38.95 -2.94 41.85
N ASP A 560 38.38 -4.13 42.11
CA ASP A 560 38.70 -4.97 43.26
C ASP A 560 39.96 -5.84 43.09
N GLY A 561 40.65 -5.72 41.95
CA GLY A 561 41.87 -6.45 41.65
C GLY A 561 41.75 -7.77 40.92
N TYR A 562 40.71 -7.91 40.10
CA TYR A 562 40.51 -9.16 39.36
C TYR A 562 40.96 -8.98 37.91
N VAL A 563 42.09 -9.61 37.54
CA VAL A 563 42.69 -9.46 36.20
C VAL A 563 41.92 -10.17 35.10
N LYS A 564 41.20 -11.23 35.44
CA LYS A 564 40.42 -11.97 34.46
C LYS A 564 38.96 -11.96 34.90
N PRO A 565 38.02 -12.02 33.94
CA PRO A 565 36.61 -12.01 34.33
C PRO A 565 36.26 -13.26 35.14
N GLN A 566 35.83 -13.06 36.38
CA GLN A 566 35.50 -14.17 37.26
C GLN A 566 34.07 -14.08 37.74
N ILE A 567 33.39 -15.23 37.89
CA ILE A 567 32.00 -15.22 38.37
C ILE A 567 31.88 -15.65 39.84
N LYS A 568 31.73 -14.66 40.74
CA LYS A 568 31.56 -14.91 42.18
C LYS A 568 30.20 -15.56 42.43
N1 MJ6 B . 4.84 -4.46 50.20
C2 MJ6 B . -1.67 -4.46 44.64
C3 MJ6 B . -0.91 -3.92 45.68
C4 MJ6 B . -0.66 -2.53 45.64
C6 MJ6 B . 1.26 -3.82 48.80
C10 MJ6 B . 3.19 -6.82 52.14
C11 MJ6 B . 2.09 -7.82 50.13
C14 MJ6 B . 5.83 -2.57 51.18
C15 MJ6 B . 6.92 -3.54 50.79
C17 MJ6 B . 6.93 -5.79 49.62
C18 MJ6 B . 8.15 -5.00 47.69
C19 MJ6 B . 7.41 -5.22 46.51
C21 MJ6 B . 8.14 -3.12 45.67
C22 MJ6 B . 8.91 -2.90 46.80
C24 MJ6 B . 9.24 -6.49 49.30
C25 MJ6 B . 9.95 -7.32 48.23
C26 MJ6 B . 11.21 -6.65 47.71
C28 MJ6 B . 13.19 -7.91 48.42
C31 MJ6 B . -1.88 -2.32 43.59
O6 MJ6 B . 1.65 -2.83 49.41
C5 MJ6 B . 0.43 -3.65 47.59
C29 MJ6 B . -0.28 -4.51 46.83
S MJ6 B . 0.35 -2.02 46.98
C30 MJ6 B . -1.14 -1.74 44.61
C1 MJ6 B . -2.15 -3.69 43.59
C MJ6 B . -2.90 -4.38 42.42
F1 MJ6 B . -2.01 -5.09 41.70
P MJ6 B . -3.89 -3.27 41.30
O2 MJ6 B . -2.93 -2.40 40.54
O1 MJ6 B . -4.71 -4.21 40.40
O MJ6 B . -4.88 -2.52 42.23
F MJ6 B . -3.72 -5.33 42.86
N MJ6 B . 1.58 -5.07 49.15
C7 MJ6 B . 2.51 -5.31 50.24
C8 MJ6 B . 2.14 -6.59 51.04
C9 MJ6 B . 0.78 -6.39 51.69
C12 MJ6 B . 3.93 -5.30 49.67
O5 MJ6 B . 4.20 -6.01 48.72
C16 MJ6 B . 6.23 -4.43 49.75
C13 MJ6 B . 4.58 -3.43 51.21
O4 MJ6 B . 6.52 -6.76 50.23
N2 MJ6 B . 8.01 -5.88 48.79
O3 MJ6 B . 11.20 -6.09 46.62
N3 MJ6 B . 12.33 -6.73 48.45
C27 MJ6 B . 12.78 -5.64 49.32
C23 MJ6 B . 8.92 -3.85 47.80
BR MJ6 B . 8.00 -1.74 44.38
C20 MJ6 B . 7.41 -4.28 45.51
#